data_4YEH
#
_entry.id   4YEH
#
_cell.length_a   80.481
_cell.length_b   80.481
_cell.length_c   69.177
_cell.angle_alpha   90.00
_cell.angle_beta   90.00
_cell.angle_gamma   120.00
#
_symmetry.space_group_name_H-M   'P 3'
#
loop_
_entity.id
_entity.type
_entity.pdbx_description
1 polymer Lectin
2 non-polymer 'MAGNESIUM ION'
3 water water
#
_entity_poly.entity_id   1
_entity_poly.type   'polypeptide(L)'
_entity_poly.pdbx_seq_one_letter_code
;GYINAAFRSSRNNEAYLFINDKYVLLDYAPGTSNDKVLYGPSFVRDGYKSLAKTIFGTYGIDCSFDTEYNEAFIFYENFC
ARIDYAPHSDKDKIISGPKKIADMFPFFKGTVFENGIDAAFRSTKGKEVYLFKGDKYARIDYLTNRLVQNIKSISDGFPC
LRGTIFEAGMDSAFASHKTNEAYLFKGEYYARINFTPGSTNDIMGGVKKTLDYWPSLRGIIPLE
;
_entity_poly.pdbx_strand_id   A,B
#
loop_
_chem_comp.id
_chem_comp.type
_chem_comp.name
_chem_comp.formula
MG non-polymer 'MAGNESIUM ION' 'Mg 2'
#
# COMPACT_ATOMS: atom_id res chain seq x y z
N GLY A 1 -10.03 9.00 17.97
CA GLY A 1 -8.55 8.91 17.81
C GLY A 1 -7.83 8.31 19.02
N TYR A 2 -7.88 7.00 19.18
CA TYR A 2 -7.13 6.35 20.26
C TYR A 2 -5.96 5.51 19.72
N ILE A 3 -5.39 4.69 20.62
CA ILE A 3 -4.25 3.83 20.31
C ILE A 3 -4.63 2.76 19.26
N ASN A 4 -3.79 2.65 18.26
CA ASN A 4 -4.07 1.86 17.10
C ASN A 4 -3.07 0.71 16.98
N ALA A 5 -1.87 0.92 17.52
CA ALA A 5 -0.81 -0.05 17.35
C ALA A 5 0.26 0.25 18.35
N ALA A 6 0.77 -0.82 18.95
CA ALA A 6 1.93 -0.76 19.81
C ALA A 6 2.75 -2.01 19.66
N PHE A 7 4.03 -1.84 20.02
CA PHE A 7 4.95 -2.94 20.14
C PHE A 7 5.88 -2.56 21.30
N ARG A 8 6.36 -3.54 22.04
CA ARG A 8 7.29 -3.32 23.17
C ARG A 8 8.69 -2.98 22.69
N SER A 9 9.37 -2.05 23.38
CA SER A 9 10.69 -1.65 22.95
C SER A 9 11.74 -2.54 23.56
N SER A 10 12.96 -2.48 23.01
CA SER A 10 14.05 -3.33 23.53
C SER A 10 14.68 -2.64 24.72
N ARG A 11 14.39 -1.35 24.90
CA ARG A 11 14.85 -0.58 26.05
C ARG A 11 13.84 -0.74 27.22
N ASN A 12 14.32 -1.21 28.36
CA ASN A 12 13.44 -1.66 29.42
C ASN A 12 12.42 -0.60 29.88
N ASN A 13 11.19 -1.05 30.04
CA ASN A 13 10.10 -0.17 30.40
C ASN A 13 9.82 0.92 29.37
N GLU A 14 10.02 0.62 28.09
CA GLU A 14 9.64 1.57 27.06
C GLU A 14 8.76 0.92 26.00
N ALA A 15 7.87 1.73 25.38
CA ALA A 15 6.94 1.24 24.38
C ALA A 15 6.66 2.36 23.39
N TYR A 16 6.41 1.97 22.13
CA TYR A 16 6.01 2.88 21.12
C TYR A 16 4.53 2.72 20.86
N LEU A 17 3.87 3.84 20.60
CA LEU A 17 2.39 3.86 20.45
C LEU A 17 2.07 4.65 19.22
N PHE A 18 1.19 4.07 18.40
CA PHE A 18 0.86 4.66 17.12
C PHE A 18 -0.57 5.09 17.16
N ILE A 19 -0.75 6.40 16.94
CA ILE A 19 -2.06 6.99 17.00
C ILE A 19 -2.29 7.78 15.71
N ASN A 20 -3.41 7.62 15.07
CA ASN A 20 -3.64 8.18 13.76
C ASN A 20 -2.46 7.83 12.85
N ASP A 21 -1.86 8.83 12.25
CA ASP A 21 -0.64 8.75 11.43
C ASP A 21 0.55 9.24 12.28
N LYS A 22 0.38 9.19 13.60
CA LYS A 22 1.37 9.72 14.59
C LYS A 22 1.90 8.63 15.57
N TYR A 23 2.99 8.95 16.23
CA TYR A 23 3.48 8.03 17.22
C TYR A 23 3.98 8.80 18.42
N VAL A 24 4.11 8.05 19.52
CA VAL A 24 4.80 8.48 20.71
C VAL A 24 5.72 7.36 21.25
N LEU A 25 6.80 7.76 21.94
CA LEU A 25 7.61 6.85 22.72
C LEU A 25 7.33 7.25 24.14
N LEU A 26 7.39 6.25 25.00
CA LEU A 26 6.83 6.33 26.31
C LEU A 26 7.53 5.39 27.29
N ASP A 27 7.84 5.88 28.47
CA ASP A 27 8.22 5.02 29.57
C ASP A 27 6.90 4.72 30.27
N TYR A 28 6.31 3.60 29.93
CA TYR A 28 5.00 3.20 30.45
C TYR A 28 5.09 2.63 31.87
N ALA A 29 6.30 2.51 32.42
CA ALA A 29 6.50 2.48 33.87
C ALA A 29 5.61 1.51 34.68
N PRO A 30 5.59 0.17 34.28
CA PRO A 30 4.61 -0.65 35.03
C PRO A 30 4.84 -0.72 36.55
N GLY A 31 6.08 -0.87 36.99
CA GLY A 31 6.42 -0.86 38.42
C GLY A 31 6.43 0.48 39.14
N THR A 32 5.80 1.50 38.55
CA THR A 32 5.89 2.89 39.03
C THR A 32 4.76 3.83 38.54
N SER A 33 4.72 5.02 39.16
CA SER A 33 3.76 6.09 38.90
C SER A 33 4.42 6.98 37.85
N ASN A 34 5.75 6.94 37.83
CA ASN A 34 6.58 7.84 37.08
C ASN A 34 6.66 7.42 35.65
N ASP A 35 5.49 7.45 35.12
CA ASP A 35 5.17 7.30 33.74
C ASP A 35 5.69 8.53 32.94
N LYS A 36 6.06 8.34 31.69
CA LYS A 36 6.37 9.46 30.87
C LYS A 36 6.51 9.32 29.37
N VAL A 37 6.08 10.32 28.63
CA VAL A 37 6.40 10.44 27.21
C VAL A 37 7.89 10.75 27.05
N LEU A 38 8.58 9.98 26.21
CA LEU A 38 10.03 10.21 25.91
C LEU A 38 10.20 10.94 24.59
N TYR A 39 9.40 10.60 23.58
CA TYR A 39 9.51 11.24 22.29
C TYR A 39 8.15 11.43 21.69
N GLY A 40 7.92 12.65 21.22
CA GLY A 40 6.73 12.96 20.50
C GLY A 40 5.71 13.57 21.37
N PRO A 41 4.46 13.66 20.90
CA PRO A 41 3.88 13.01 19.70
C PRO A 41 4.30 13.59 18.37
N SER A 42 4.94 12.74 17.57
CA SER A 42 5.47 13.13 16.24
C SER A 42 4.77 12.43 15.04
N PHE A 43 4.95 12.96 13.84
CA PHE A 43 4.52 12.20 12.62
C PHE A 43 5.44 10.98 12.33
N VAL A 44 4.85 9.89 11.81
CA VAL A 44 5.64 8.72 11.41
C VAL A 44 6.65 9.08 10.32
N ARG A 45 6.21 9.91 9.35
CA ARG A 45 7.11 10.29 8.25
C ARG A 45 8.36 11.03 8.79
N ASP A 46 8.21 11.86 9.83
CA ASP A 46 9.26 12.66 10.48
C ASP A 46 10.19 11.92 11.45
N GLY A 47 9.59 11.20 12.40
CA GLY A 47 10.30 10.28 13.29
C GLY A 47 10.98 9.17 12.53
N TYR A 48 10.30 8.52 11.64
CA TYR A 48 10.92 7.49 10.92
C TYR A 48 11.24 7.79 9.47
N LYS A 49 12.42 8.31 9.19
CA LYS A 49 12.78 8.69 7.84
C LYS A 49 12.69 7.48 6.89
N SER A 50 13.03 6.30 7.41
CA SER A 50 12.86 5.06 6.67
C SER A 50 11.46 4.87 6.05
N LEU A 51 10.45 5.55 6.61
CA LEU A 51 9.02 5.34 6.37
C LEU A 51 8.35 6.56 5.71
N ALA A 52 9.14 7.61 5.62
CA ALA A 52 8.76 8.92 5.09
C ALA A 52 8.03 8.87 3.76
N LYS A 53 8.49 8.05 2.85
CA LYS A 53 7.94 7.95 1.55
C LYS A 53 7.06 6.74 1.28
N THR A 54 6.35 6.24 2.28
CA THR A 54 5.58 5.01 2.26
C THR A 54 4.12 5.22 2.70
N ILE A 55 3.28 4.22 2.45
CA ILE A 55 1.91 4.22 2.89
C ILE A 55 1.80 4.37 4.43
N PHE A 56 2.78 3.86 5.17
CA PHE A 56 2.85 4.01 6.60
C PHE A 56 3.09 5.49 7.05
N GLY A 57 3.95 6.22 6.34
CA GLY A 57 4.25 7.62 6.60
C GLY A 57 3.01 8.42 6.29
N THR A 58 2.36 8.08 5.16
CA THR A 58 1.06 8.74 4.82
C THR A 58 -0.09 8.48 5.83
N TYR A 59 -0.28 7.23 6.23
CA TYR A 59 -1.46 6.85 7.00
C TYR A 59 -1.22 6.33 8.42
N GLY A 60 0.03 6.19 8.85
CA GLY A 60 0.22 5.69 10.19
C GLY A 60 0.27 4.17 10.18
N ILE A 61 0.30 3.59 11.37
CA ILE A 61 0.47 2.15 11.51
C ILE A 61 -0.68 1.53 12.38
N ASP A 62 -1.37 0.52 11.85
CA ASP A 62 -2.60 0.06 12.51
C ASP A 62 -2.45 -1.18 13.42
N CYS A 63 -1.30 -1.81 13.34
CA CYS A 63 -0.93 -2.98 14.12
C CYS A 63 0.60 -3.13 14.05
N SER A 64 1.20 -3.49 15.18
CA SER A 64 2.60 -3.87 15.21
C SER A 64 2.97 -4.88 16.37
N PHE A 65 4.15 -5.48 16.32
CA PHE A 65 4.64 -6.31 17.39
C PHE A 65 6.15 -6.43 17.50
N ASP A 66 6.61 -6.61 18.73
CA ASP A 66 8.04 -6.80 18.96
C ASP A 66 8.37 -8.20 18.42
N THR A 67 9.57 -8.39 17.88
CA THR A 67 10.00 -9.73 17.49
C THR A 67 11.17 -10.14 18.37
N GLU A 68 12.38 -9.88 17.90
CA GLU A 68 13.57 -9.82 18.74
C GLU A 68 14.54 -8.73 18.33
N TYR A 69 15.49 -8.48 19.23
CA TYR A 69 16.42 -7.35 19.15
C TYR A 69 15.77 -5.97 19.12
N ASN A 70 16.23 -5.13 18.19
CA ASN A 70 15.53 -3.86 17.85
C ASN A 70 14.75 -3.97 16.60
N GLU A 71 13.80 -4.89 16.54
CA GLU A 71 13.08 -5.21 15.32
C GLU A 71 11.62 -5.40 15.63
N ALA A 72 10.78 -5.04 14.68
CA ALA A 72 9.31 -5.07 14.87
C ALA A 72 8.59 -5.07 13.52
N PHE A 73 7.51 -5.80 13.44
CA PHE A 73 6.61 -5.86 12.27
C PHE A 73 5.56 -4.76 12.43
N ILE A 74 5.28 -4.10 11.32
CA ILE A 74 4.36 -3.00 11.26
C ILE A 74 3.48 -3.17 10.01
N PHE A 75 2.22 -2.75 10.17
CA PHE A 75 1.14 -3.09 9.28
C PHE A 75 0.30 -1.85 9.00
N TYR A 76 -0.40 -1.87 7.89
CA TYR A 76 -1.48 -0.93 7.60
C TYR A 76 -2.30 -1.58 6.50
N GLU A 77 -3.58 -1.90 6.79
CA GLU A 77 -4.45 -2.66 5.91
C GLU A 77 -3.73 -3.92 5.44
N ASN A 78 -3.82 -4.26 4.17
CA ASN A 78 -3.30 -5.59 3.75
C ASN A 78 -1.77 -5.67 3.62
N PHE A 79 -1.06 -4.59 3.96
CA PHE A 79 0.39 -4.50 3.75
C PHE A 79 1.07 -4.46 5.07
N CYS A 80 2.37 -4.76 5.07
CA CYS A 80 3.17 -4.84 6.30
C CYS A 80 4.73 -4.81 6.02
N ALA A 81 5.50 -4.55 7.04
CA ALA A 81 6.96 -4.55 6.84
C ALA A 81 7.72 -5.00 8.09
N ARG A 82 8.89 -5.62 7.95
CA ARG A 82 9.75 -5.68 9.12
C ARG A 82 10.65 -4.52 9.05
N ILE A 83 10.80 -3.84 10.17
CA ILE A 83 11.72 -2.76 10.26
C ILE A 83 12.59 -2.93 11.49
N ASP A 84 13.73 -2.24 11.50
CA ASP A 84 14.49 -2.08 12.72
C ASP A 84 14.13 -0.65 13.14
N TYR A 85 13.57 -0.51 14.36
CA TYR A 85 13.17 0.83 14.78
C TYR A 85 14.29 1.71 15.39
N ALA A 86 15.50 1.16 15.55
CA ALA A 86 16.70 1.90 16.02
C ALA A 86 16.42 2.78 17.26
N PRO A 87 16.28 2.15 18.44
CA PRO A 87 15.92 2.89 19.62
C PRO A 87 16.83 4.05 19.89
N HIS A 88 16.25 5.26 19.81
CA HIS A 88 16.89 6.53 20.13
C HIS A 88 17.96 6.86 19.13
N SER A 89 17.60 6.82 17.83
CA SER A 89 18.52 7.19 16.80
C SER A 89 17.86 7.48 15.47
N ASP A 90 18.70 8.00 14.56
CA ASP A 90 18.42 8.22 13.15
C ASP A 90 18.37 6.93 12.31
N LYS A 91 19.06 5.91 12.81
CA LYS A 91 19.52 4.79 12.04
C LYS A 91 18.47 3.65 11.97
N ASP A 92 17.27 4.02 11.55
CA ASP A 92 16.12 3.10 11.48
C ASP A 92 15.83 2.65 10.04
N LYS A 93 15.63 1.37 9.82
CA LYS A 93 15.63 0.86 8.43
C LYS A 93 14.52 -0.13 8.14
N ILE A 94 14.25 -0.32 6.85
CA ILE A 94 13.30 -1.34 6.36
C ILE A 94 14.10 -2.58 6.15
N ILE A 95 13.73 -3.64 6.86
CA ILE A 95 14.36 -4.94 6.64
C ILE A 95 13.59 -5.68 5.58
N SER A 96 12.28 -5.83 5.77
CA SER A 96 11.50 -6.72 4.92
C SER A 96 10.20 -6.07 4.54
N GLY A 97 9.97 -6.07 3.25
CA GLY A 97 8.80 -5.51 2.63
C GLY A 97 9.05 -4.12 2.14
N PRO A 98 7.97 -3.37 1.91
CA PRO A 98 6.57 -3.75 2.24
C PRO A 98 5.88 -4.80 1.35
N LYS A 99 5.40 -5.87 1.97
CA LYS A 99 4.67 -6.94 1.31
C LYS A 99 3.25 -6.88 1.78
N LYS A 100 2.37 -7.49 1.07
CA LYS A 100 1.09 -7.84 1.56
C LYS A 100 1.24 -8.82 2.71
N ILE A 101 0.28 -8.90 3.59
CA ILE A 101 0.21 -9.93 4.66
C ILE A 101 0.36 -11.35 4.11
N ALA A 102 -0.37 -11.65 3.04
CA ALA A 102 -0.39 -13.00 2.42
C ALA A 102 0.93 -13.36 1.79
N ASP A 103 1.88 -12.42 1.67
CA ASP A 103 3.25 -12.75 1.17
C ASP A 103 4.27 -12.72 2.31
N MET A 104 3.92 -12.01 3.37
CA MET A 104 4.77 -11.94 4.52
C MET A 104 4.45 -13.20 5.40
N PHE A 105 3.18 -13.47 5.64
CA PHE A 105 2.64 -14.60 6.42
C PHE A 105 1.66 -15.45 5.60
N PRO A 106 2.14 -16.32 4.77
CA PRO A 106 1.35 -17.04 3.76
C PRO A 106 0.17 -17.78 4.31
N PHE A 107 0.35 -18.41 5.46
CA PHE A 107 -0.73 -19.12 6.15
C PHE A 107 -1.98 -18.24 6.44
N PHE A 108 -1.85 -16.88 6.46
CA PHE A 108 -3.01 -15.98 6.61
C PHE A 108 -3.94 -15.89 5.39
N LYS A 109 -3.46 -16.38 4.26
CA LYS A 109 -4.28 -16.34 3.04
C LYS A 109 -5.56 -17.09 3.24
N GLY A 110 -6.67 -16.47 2.93
CA GLY A 110 -7.98 -17.11 3.06
C GLY A 110 -8.69 -16.84 4.36
N THR A 111 -8.03 -16.29 5.35
CA THR A 111 -8.57 -15.90 6.65
C THR A 111 -8.96 -14.42 6.82
N VAL A 112 -9.48 -14.06 7.99
CA VAL A 112 -9.87 -12.67 8.21
C VAL A 112 -8.66 -11.73 8.30
N PHE A 113 -7.47 -12.29 8.58
CA PHE A 113 -6.25 -11.52 8.87
C PHE A 113 -5.57 -11.05 7.67
N GLU A 114 -6.05 -11.49 6.51
CA GLU A 114 -5.43 -11.28 5.22
C GLU A 114 -5.57 -9.78 4.77
N ASN A 115 -6.73 -9.16 5.03
CA ASN A 115 -6.92 -7.74 4.65
C ASN A 115 -6.59 -6.73 5.80
N GLY A 116 -6.22 -7.23 6.95
CA GLY A 116 -5.83 -6.36 8.03
C GLY A 116 -5.79 -7.08 9.35
N ILE A 117 -4.79 -6.72 10.17
CA ILE A 117 -4.81 -7.15 11.56
C ILE A 117 -5.14 -5.96 12.49
N ASP A 118 -5.95 -6.20 13.52
CA ASP A 118 -6.33 -5.21 14.52
C ASP A 118 -5.18 -4.84 15.46
N ALA A 119 -4.63 -5.83 16.10
CA ALA A 119 -3.53 -5.66 17.09
C ALA A 119 -2.73 -6.96 17.30
N ALA A 120 -1.63 -6.84 18.03
CA ALA A 120 -0.73 -7.96 18.26
C ALA A 120 0.26 -7.67 19.39
N PHE A 121 0.65 -8.73 20.12
CA PHE A 121 1.70 -8.66 21.17
C PHE A 121 2.68 -9.89 21.17
N ARG A 122 3.95 -9.63 21.46
CA ARG A 122 4.94 -10.69 21.57
C ARG A 122 4.77 -11.65 22.78
N SER A 123 4.69 -12.95 22.48
CA SER A 123 4.59 -13.99 23.52
C SER A 123 5.92 -14.19 24.16
N THR A 124 5.92 -14.70 25.37
CA THR A 124 7.17 -14.92 26.09
C THR A 124 7.81 -16.22 25.60
N LYS A 125 7.00 -17.12 25.04
CA LYS A 125 7.42 -18.44 24.59
C LYS A 125 8.10 -18.37 23.20
N GLY A 126 9.42 -18.54 23.17
CA GLY A 126 10.10 -18.67 21.87
C GLY A 126 9.98 -17.46 20.96
N LYS A 127 9.70 -17.67 19.68
CA LYS A 127 9.41 -16.71 18.59
C LYS A 127 7.93 -16.63 18.31
N GLU A 128 7.16 -16.67 19.33
CA GLU A 128 5.73 -16.77 19.11
C GLU A 128 5.11 -15.39 19.31
N VAL A 129 4.08 -15.15 18.49
CA VAL A 129 3.30 -13.92 18.54
C VAL A 129 1.80 -14.20 18.52
N TYR A 130 1.06 -13.44 19.32
CA TYR A 130 -0.44 -13.45 19.26
C TYR A 130 -1.02 -12.25 18.48
N LEU A 131 -2.00 -12.50 17.62
CA LEU A 131 -2.58 -11.47 16.80
C LEU A 131 -4.11 -11.48 16.84
N PHE A 132 -4.73 -10.31 16.78
CA PHE A 132 -6.16 -10.16 16.86
C PHE A 132 -6.72 -9.38 15.69
N LYS A 133 -7.78 -9.95 15.13
CA LYS A 133 -8.65 -9.30 14.19
C LYS A 133 -10.09 -9.64 14.57
N GLY A 134 -10.92 -8.60 14.65
CA GLY A 134 -12.32 -8.83 15.05
C GLY A 134 -12.35 -9.54 16.40
N ASP A 135 -12.93 -10.73 16.40
CA ASP A 135 -13.18 -11.45 17.64
C ASP A 135 -12.44 -12.80 17.65
N LYS A 136 -11.59 -13.01 16.66
CA LYS A 136 -10.70 -14.16 16.58
C LYS A 136 -9.28 -13.75 16.97
N TYR A 137 -8.46 -14.74 17.33
CA TYR A 137 -7.00 -14.54 17.41
C TYR A 137 -6.14 -15.69 16.82
N ALA A 138 -4.88 -15.37 16.55
CA ALA A 138 -3.93 -16.29 15.93
C ALA A 138 -2.81 -16.45 16.88
N ARG A 139 -2.16 -17.59 16.75
CA ARG A 139 -0.95 -17.80 17.46
C ARG A 139 0.09 -18.24 16.43
N ILE A 140 1.06 -17.36 16.17
CA ILE A 140 2.05 -17.68 15.15
C ILE A 140 3.46 -17.96 15.62
N ASP A 141 4.30 -18.43 14.73
CA ASP A 141 5.72 -18.39 14.94
C ASP A 141 6.09 -17.65 13.73
N TYR A 142 6.68 -16.48 13.94
CA TYR A 142 7.14 -15.66 12.84
C TYR A 142 8.46 -16.14 12.23
N LEU A 143 9.33 -16.77 13.02
CA LEU A 143 10.60 -17.31 12.54
C LEU A 143 10.41 -18.49 11.54
N THR A 144 9.46 -19.41 11.76
CA THR A 144 9.25 -20.54 10.79
C THR A 144 8.03 -20.29 9.96
N ASN A 145 7.43 -19.12 10.13
CA ASN A 145 6.31 -18.61 9.31
C ASN A 145 5.14 -19.55 9.29
N ARG A 146 4.76 -19.91 10.48
CA ARG A 146 3.66 -20.89 10.61
C ARG A 146 2.68 -20.52 11.71
N LEU A 147 1.49 -21.06 11.58
CA LEU A 147 0.44 -20.91 12.56
C LEU A 147 0.62 -22.09 13.54
N VAL A 148 0.84 -21.78 14.81
CA VAL A 148 1.00 -22.82 15.82
C VAL A 148 -0.31 -23.62 16.11
N GLN A 149 -1.45 -22.93 15.98
CA GLN A 149 -2.76 -23.53 16.21
C GLN A 149 -3.84 -22.89 15.32
N ASN A 150 -4.99 -23.57 15.28
CA ASN A 150 -6.22 -23.05 14.59
C ASN A 150 -6.61 -21.68 15.15
N ILE A 151 -7.06 -20.81 14.27
CA ILE A 151 -7.61 -19.50 14.71
C ILE A 151 -8.95 -19.65 15.50
N LYS A 152 -8.93 -19.28 16.76
CA LYS A 152 -10.18 -19.40 17.52
C LYS A 152 -10.46 -18.02 18.09
N SER A 153 -11.63 -17.85 18.65
CA SER A 153 -12.12 -16.65 19.29
C SER A 153 -11.30 -16.27 20.48
N ILE A 154 -11.22 -15.00 20.76
CA ILE A 154 -10.53 -14.47 21.93
C ILE A 154 -11.20 -15.06 23.16
N SER A 155 -12.52 -15.14 23.13
CA SER A 155 -13.31 -15.81 24.17
C SER A 155 -12.76 -17.19 24.53
N ASP A 156 -12.26 -17.97 23.53
CA ASP A 156 -11.73 -19.33 23.73
C ASP A 156 -10.31 -19.45 24.27
N GLY A 157 -9.38 -18.68 23.72
CA GLY A 157 -8.03 -18.67 24.24
C GLY A 157 -7.91 -17.76 25.46
N PHE A 158 -8.64 -16.66 25.48
CA PHE A 158 -8.50 -15.74 26.63
C PHE A 158 -9.86 -15.71 27.34
N PRO A 159 -10.07 -16.64 28.31
CA PRO A 159 -11.34 -16.65 29.02
C PRO A 159 -11.56 -15.41 29.92
N CYS A 160 -10.47 -14.78 30.42
CA CYS A 160 -10.57 -13.51 31.21
C CYS A 160 -11.30 -12.31 30.49
N LEU A 161 -11.29 -12.30 29.18
CA LEU A 161 -11.93 -11.20 28.49
C LEU A 161 -13.40 -11.48 28.19
N ARG A 162 -13.92 -12.60 28.69
CA ARG A 162 -15.34 -12.86 28.54
C ARG A 162 -16.17 -11.81 29.29
N GLY A 163 -17.32 -11.46 28.73
CA GLY A 163 -18.13 -10.36 29.22
C GLY A 163 -17.47 -8.99 29.45
N THR A 164 -16.39 -8.69 28.72
CA THR A 164 -15.73 -7.40 28.79
C THR A 164 -15.83 -6.88 27.40
N ILE A 165 -15.72 -5.56 27.22
CA ILE A 165 -15.72 -4.97 25.86
C ILE A 165 -14.61 -5.54 24.94
N PHE A 166 -13.55 -6.09 25.52
CA PHE A 166 -12.48 -6.75 24.75
C PHE A 166 -12.85 -8.08 24.02
N GLU A 167 -14.05 -8.59 24.26
CA GLU A 167 -14.52 -9.88 23.74
C GLU A 167 -14.71 -9.95 22.21
N ALA A 168 -15.00 -8.81 21.57
CA ALA A 168 -15.29 -8.72 20.15
C ALA A 168 -14.27 -7.88 19.42
N GLY A 169 -13.20 -7.46 20.10
CA GLY A 169 -12.11 -6.83 19.40
C GLY A 169 -11.17 -5.92 20.17
N MET A 170 -9.88 -6.00 19.80
CA MET A 170 -8.90 -5.08 20.34
C MET A 170 -8.27 -4.23 19.27
N ASP A 171 -8.17 -2.94 19.60
CA ASP A 171 -7.75 -1.88 18.75
C ASP A 171 -6.21 -1.80 18.69
N SER A 172 -5.59 -2.13 19.80
CA SER A 172 -4.15 -2.03 19.95
C SER A 172 -3.66 -2.97 21.07
N ALA A 173 -2.43 -3.45 21.02
CA ALA A 173 -1.83 -4.27 22.11
C ALA A 173 -0.33 -4.18 22.17
N PHE A 174 0.24 -4.42 23.35
CA PHE A 174 1.66 -4.70 23.48
C PHE A 174 1.97 -5.56 24.75
N ALA A 175 3.02 -6.39 24.70
CA ALA A 175 3.50 -7.14 25.89
C ALA A 175 4.33 -6.24 26.80
N SER A 176 4.21 -6.49 28.11
CA SER A 176 4.99 -5.82 29.12
C SER A 176 6.39 -6.35 29.11
N HIS A 177 7.24 -5.75 29.93
CA HIS A 177 8.60 -6.14 30.08
C HIS A 177 8.69 -7.11 31.26
N LYS A 178 7.58 -7.24 31.98
CA LYS A 178 7.42 -8.21 33.07
C LYS A 178 6.81 -9.51 32.51
N THR A 179 7.22 -10.61 33.11
CA THR A 179 6.83 -11.91 32.65
C THR A 179 5.31 -12.04 32.47
N ASN A 180 4.93 -12.66 31.36
CA ASN A 180 3.56 -13.11 31.15
C ASN A 180 2.54 -11.97 31.29
N GLU A 181 2.94 -10.73 30.96
CA GLU A 181 1.97 -9.63 30.98
C GLU A 181 1.87 -8.85 29.67
N ALA A 182 0.64 -8.42 29.36
CA ALA A 182 0.45 -7.65 28.17
C ALA A 182 -0.62 -6.60 28.44
N TYR A 183 -0.54 -5.47 27.75
CA TYR A 183 -1.59 -4.45 27.80
C TYR A 183 -2.49 -4.42 26.56
N LEU A 184 -3.79 -4.15 26.76
CA LEU A 184 -4.79 -4.15 25.69
C LEU A 184 -5.68 -2.91 25.74
N PHE A 185 -6.09 -2.46 24.55
CA PHE A 185 -6.62 -1.11 24.38
C PHE A 185 -7.78 -1.10 23.39
N LYS A 186 -8.89 -0.53 23.81
CA LYS A 186 -10.01 -0.41 22.90
C LYS A 186 -10.76 0.86 23.26
N GLY A 187 -10.73 1.86 22.39
CA GLY A 187 -11.32 3.14 22.79
C GLY A 187 -10.48 3.77 23.91
N GLU A 188 -11.17 4.20 24.96
CA GLU A 188 -10.55 4.84 26.13
C GLU A 188 -10.38 3.83 27.31
N TYR A 189 -10.73 2.58 27.07
CA TYR A 189 -10.51 1.53 28.03
C TYR A 189 -9.25 0.72 27.74
N TYR A 190 -8.51 0.36 28.80
CA TYR A 190 -7.39 -0.59 28.72
C TYR A 190 -7.42 -1.74 29.79
N ALA A 191 -6.58 -2.77 29.64
CA ALA A 191 -6.37 -3.84 30.66
C ALA A 191 -4.96 -4.48 30.66
N ARG A 192 -4.57 -5.05 31.77
CA ARG A 192 -3.29 -5.61 31.93
C ARG A 192 -3.68 -6.99 32.25
N ILE A 193 -3.13 -7.91 31.51
CA ILE A 193 -3.49 -9.30 31.67
C ILE A 193 -2.21 -10.07 32.00
N ASN A 194 -2.36 -11.27 32.57
CA ASN A 194 -1.22 -12.14 32.86
C ASN A 194 -1.42 -13.42 32.07
N PHE A 195 -0.59 -13.60 31.04
CA PHE A 195 -0.85 -14.61 30.02
C PHE A 195 0.17 -15.74 30.17
N THR A 196 -0.33 -16.98 30.11
CA THR A 196 0.55 -18.16 30.05
C THR A 196 0.36 -18.77 28.67
N PRO A 197 1.43 -18.82 27.87
CA PRO A 197 1.34 -19.51 26.60
C PRO A 197 0.81 -20.95 26.69
N GLY A 198 -0.23 -21.27 25.91
CA GLY A 198 -0.87 -22.61 25.92
C GLY A 198 -1.72 -22.98 27.13
N SER A 199 -2.53 -22.03 27.62
CA SER A 199 -3.41 -22.27 28.78
C SER A 199 -4.78 -21.56 28.68
N THR A 200 -5.76 -21.93 29.52
CA THR A 200 -7.08 -21.30 29.65
C THR A 200 -7.12 -20.37 30.84
N ASN A 201 -5.97 -19.87 31.22
CA ASN A 201 -5.78 -19.06 32.40
C ASN A 201 -6.53 -17.69 32.56
N ASP A 202 -7.45 -17.62 33.53
CA ASP A 202 -8.29 -16.47 33.79
C ASP A 202 -7.61 -15.61 34.83
N ILE A 203 -7.33 -14.39 34.42
CA ILE A 203 -6.95 -13.21 35.23
C ILE A 203 -5.88 -12.47 34.47
N MET A 204 -5.96 -11.16 34.44
CA MET A 204 -6.67 -10.42 35.46
C MET A 204 -7.92 -9.69 35.08
N GLY A 205 -8.52 -9.14 36.13
CA GLY A 205 -9.71 -8.40 35.77
C GLY A 205 -9.65 -6.95 36.19
N GLY A 206 -8.88 -6.16 35.45
CA GLY A 206 -8.73 -4.74 35.73
C GLY A 206 -8.94 -3.88 34.52
N VAL A 207 -10.19 -3.81 34.06
CA VAL A 207 -10.55 -2.99 32.87
C VAL A 207 -10.78 -1.52 33.26
N LYS A 208 -9.80 -0.66 32.99
CA LYS A 208 -9.84 0.70 33.50
C LYS A 208 -9.81 1.74 32.36
N LYS A 209 -10.37 2.92 32.63
CA LYS A 209 -10.27 4.05 31.70
C LYS A 209 -8.80 4.38 31.57
N THR A 210 -8.34 4.53 30.34
CA THR A 210 -6.90 4.65 30.11
C THR A 210 -6.30 5.93 30.70
N LEU A 211 -6.97 7.07 30.53
CA LEU A 211 -6.45 8.34 31.07
C LEU A 211 -6.25 8.33 32.59
N ASP A 212 -7.11 7.59 33.30
CA ASP A 212 -7.02 7.45 34.77
C ASP A 212 -5.70 6.89 35.27
N TYR A 213 -5.16 5.89 34.53
CA TYR A 213 -3.98 5.18 34.96
C TYR A 213 -2.72 5.48 34.15
N TRP A 214 -2.90 6.13 33.01
CA TRP A 214 -1.79 6.63 32.17
C TRP A 214 -1.82 8.13 32.27
N PRO A 215 -1.13 8.70 33.26
CA PRO A 215 -1.16 10.15 33.41
C PRO A 215 -0.64 10.87 32.15
N SER A 216 0.41 10.33 31.51
CA SER A 216 1.14 11.00 30.43
C SER A 216 0.53 10.90 29.02
N LEU A 217 -0.71 10.41 28.94
CA LEU A 217 -1.50 10.38 27.70
C LEU A 217 -2.65 11.38 27.67
N ARG A 218 -2.90 12.13 28.77
CA ARG A 218 -3.81 13.29 28.71
C ARG A 218 -3.24 14.39 27.79
N GLY A 219 -4.01 14.76 26.75
CA GLY A 219 -3.56 15.70 25.67
C GLY A 219 -3.25 15.03 24.33
N ILE A 220 -3.09 13.73 24.37
CA ILE A 220 -2.67 12.89 23.26
C ILE A 220 -3.76 11.93 22.75
N ILE A 221 -4.32 11.12 23.61
CA ILE A 221 -5.62 10.49 23.37
C ILE A 221 -6.71 11.14 24.19
N PRO A 222 -7.88 11.37 23.58
CA PRO A 222 -8.14 11.09 22.15
C PRO A 222 -7.55 12.18 21.25
N LEU A 223 -6.62 11.78 20.39
CA LEU A 223 -5.97 12.69 19.45
C LEU A 223 -7.06 13.06 18.47
N GLU A 224 -7.36 14.35 18.36
CA GLU A 224 -8.32 14.83 17.35
C GLU A 224 -7.64 15.11 15.98
N GLY B 1 1.12 -12.85 -18.06
CA GLY B 1 1.90 -11.66 -17.62
C GLY B 1 2.17 -10.71 -18.80
N TYR B 2 1.25 -9.76 -18.99
CA TYR B 2 1.38 -8.72 -20.00
C TYR B 2 1.51 -7.30 -19.43
N ILE B 3 1.73 -6.36 -20.30
CA ILE B 3 1.87 -5.01 -19.90
C ILE B 3 0.68 -4.55 -19.11
N ASN B 4 1.00 -4.04 -17.94
CA ASN B 4 -0.05 -3.71 -16.99
C ASN B 4 -0.44 -2.23 -16.94
N ALA B 5 0.58 -1.42 -17.20
CA ALA B 5 0.53 0.00 -17.18
C ALA B 5 1.56 0.48 -18.19
N ALA B 6 1.28 1.64 -18.79
CA ALA B 6 2.25 2.38 -19.57
C ALA B 6 2.06 3.89 -19.45
N PHE B 7 3.14 4.66 -19.69
CA PHE B 7 2.99 6.10 -20.00
C PHE B 7 3.99 6.70 -20.98
N ARG B 8 3.58 7.78 -21.60
CA ARG B 8 4.45 8.36 -22.62
C ARG B 8 5.50 9.33 -22.04
N SER B 9 6.73 9.22 -22.43
CA SER B 9 7.80 10.00 -21.87
C SER B 9 7.98 11.36 -22.44
N SER B 10 8.97 12.06 -21.90
CA SER B 10 9.35 13.43 -22.25
C SER B 10 10.34 13.52 -23.45
N ARG B 11 11.11 12.47 -23.66
CA ARG B 11 11.86 12.33 -24.95
C ARG B 11 10.89 12.09 -26.10
N ASN B 12 11.26 12.54 -27.29
CA ASN B 12 10.54 12.15 -28.50
C ASN B 12 10.47 10.65 -28.81
N ASN B 13 9.31 10.11 -29.13
CA ASN B 13 9.09 8.69 -29.44
C ASN B 13 9.60 7.70 -28.40
N GLU B 14 9.55 8.11 -27.17
CA GLU B 14 9.87 7.23 -26.07
C GLU B 14 8.72 6.99 -25.09
N ALA B 15 8.58 5.72 -24.71
CA ALA B 15 7.53 5.27 -23.82
C ALA B 15 8.07 4.33 -22.76
N TYR B 16 7.29 4.12 -21.66
CA TYR B 16 7.65 3.31 -20.49
C TYR B 16 6.52 2.35 -20.22
N LEU B 17 6.85 1.07 -20.14
CA LEU B 17 5.88 -0.03 -20.13
C LEU B 17 6.15 -0.99 -18.96
N PHE B 18 5.15 -1.20 -18.13
CA PHE B 18 5.25 -1.87 -16.91
C PHE B 18 4.58 -3.19 -17.08
N ILE B 19 5.34 -4.27 -16.86
CA ILE B 19 4.94 -5.63 -16.84
C ILE B 19 5.36 -6.27 -15.50
N ASN B 20 4.44 -6.77 -14.72
CA ASN B 20 4.77 -7.39 -13.47
C ASN B 20 5.50 -6.44 -12.46
N ASP B 21 6.57 -6.84 -11.85
CA ASP B 21 7.35 -6.02 -10.98
C ASP B 21 8.44 -5.32 -11.76
N LYS B 22 8.19 -5.25 -13.03
CA LYS B 22 9.19 -4.88 -13.99
C LYS B 22 8.78 -3.74 -14.95
N TYR B 23 9.76 -3.18 -15.64
CA TYR B 23 9.47 -2.29 -16.76
C TYR B 23 10.58 -2.31 -17.81
N VAL B 24 10.27 -1.76 -18.98
CA VAL B 24 11.24 -1.58 -20.04
C VAL B 24 11.09 -0.15 -20.61
N LEU B 25 12.20 0.47 -20.98
CA LEU B 25 12.10 1.74 -21.67
C LEU B 25 12.11 1.45 -23.17
N LEU B 26 11.13 2.00 -23.88
CA LEU B 26 10.98 1.66 -25.28
C LEU B 26 11.10 2.91 -26.16
N ASP B 27 11.68 2.70 -27.34
CA ASP B 27 11.65 3.62 -28.51
C ASP B 27 10.68 2.92 -29.42
N TYR B 28 9.44 3.38 -29.42
CA TYR B 28 8.34 2.61 -29.96
C TYR B 28 8.03 2.80 -31.46
N ALA B 29 8.84 3.55 -32.16
CA ALA B 29 8.79 3.60 -33.59
C ALA B 29 7.42 3.71 -34.16
N PRO B 30 6.78 4.91 -33.86
CA PRO B 30 5.47 5.07 -34.54
C PRO B 30 5.48 5.01 -36.09
N GLY B 31 6.51 5.53 -36.72
CA GLY B 31 6.63 5.58 -38.20
C GLY B 31 7.97 5.20 -38.81
N THR B 32 8.68 4.27 -38.17
CA THR B 32 9.90 3.68 -38.73
C THR B 32 10.13 2.27 -38.24
N SER B 33 10.88 1.51 -39.06
CA SER B 33 11.11 0.07 -38.89
C SER B 33 11.42 -0.23 -37.42
N ASN B 34 12.51 0.37 -36.98
CA ASN B 34 13.27 -0.03 -35.82
C ASN B 34 12.77 0.48 -34.50
N ASP B 35 11.79 -0.19 -33.94
CA ASP B 35 11.45 0.05 -32.55
C ASP B 35 12.38 -0.78 -31.64
N LYS B 36 12.88 -0.15 -30.57
CA LYS B 36 13.99 -0.73 -29.82
C LYS B 36 13.98 -0.42 -28.31
N VAL B 37 14.58 -1.32 -27.55
CA VAL B 37 14.61 -1.28 -26.11
C VAL B 37 15.80 -0.44 -25.73
N LEU B 38 15.57 0.64 -25.03
CA LEU B 38 16.67 1.48 -24.56
C LEU B 38 17.21 1.01 -23.21
N TYR B 39 16.31 0.50 -22.35
CA TYR B 39 16.69 0.02 -21.03
C TYR B 39 15.70 -1.04 -20.55
N GLY B 40 16.05 -1.84 -19.53
CA GLY B 40 15.20 -2.91 -19.02
C GLY B 40 15.04 -4.06 -20.01
N PRO B 41 14.46 -5.18 -19.63
CA PRO B 41 13.73 -5.41 -18.41
C PRO B 41 14.47 -5.20 -17.12
N SER B 42 13.81 -4.57 -16.24
CA SER B 42 14.46 -4.26 -15.00
C SER B 42 13.38 -4.12 -13.98
N PHE B 43 13.68 -4.56 -12.79
CA PHE B 43 12.70 -4.41 -11.73
C PHE B 43 12.47 -2.91 -11.50
N VAL B 44 11.24 -2.52 -11.18
CA VAL B 44 10.92 -1.16 -10.73
C VAL B 44 11.83 -0.70 -9.57
N ARG B 45 11.84 -1.51 -8.54
CA ARG B 45 12.69 -1.22 -7.40
C ARG B 45 14.17 -0.93 -7.72
N ASP B 46 14.71 -1.54 -8.78
CA ASP B 46 16.18 -1.48 -9.07
C ASP B 46 16.44 -0.31 -9.98
N GLY B 47 15.45 0.07 -10.78
CA GLY B 47 15.60 1.21 -11.73
C GLY B 47 15.04 2.51 -11.18
N TYR B 48 14.19 2.39 -10.22
CA TYR B 48 13.57 3.52 -9.62
C TYR B 48 13.95 3.51 -8.18
N LYS B 49 15.15 3.96 -7.89
CA LYS B 49 15.70 3.88 -6.54
C LYS B 49 14.69 4.45 -5.52
N SER B 50 14.09 5.58 -5.88
CA SER B 50 13.08 6.25 -5.04
C SER B 50 11.81 5.43 -4.70
N LEU B 51 11.60 4.34 -5.44
CA LEU B 51 10.50 3.37 -5.21
C LEU B 51 10.96 2.03 -4.61
N ALA B 52 12.27 1.82 -4.46
CA ALA B 52 12.82 0.54 -3.96
C ALA B 52 12.17 0.00 -2.64
N LYS B 53 11.73 0.87 -1.78
CA LYS B 53 11.16 0.54 -0.50
C LYS B 53 9.69 0.86 -0.32
N THR B 54 8.93 0.83 -1.37
CA THR B 54 7.49 1.15 -1.39
C THR B 54 6.81 -0.12 -1.92
N ILE B 55 5.46 -0.13 -1.97
CA ILE B 55 4.62 -1.17 -2.63
C ILE B 55 4.81 -1.24 -4.16
N PHE B 56 5.16 -0.11 -4.75
CA PHE B 56 5.56 -0.11 -6.15
C PHE B 56 6.89 -0.88 -6.44
N GLY B 57 7.85 -0.81 -5.52
CA GLY B 57 9.02 -1.68 -5.67
C GLY B 57 8.68 -3.17 -5.51
N THR B 58 7.87 -3.49 -4.51
CA THR B 58 7.60 -4.87 -4.19
C THR B 58 6.83 -5.49 -5.35
N TYR B 59 5.78 -4.78 -5.77
CA TYR B 59 4.87 -5.35 -6.80
C TYR B 59 4.87 -4.72 -8.21
N GLY B 60 5.43 -3.53 -8.39
CA GLY B 60 5.20 -2.79 -9.63
C GLY B 60 3.95 -1.87 -9.65
N ILE B 61 3.50 -1.60 -10.85
CA ILE B 61 2.62 -0.49 -11.16
C ILE B 61 1.53 -0.95 -12.16
N ASP B 62 0.25 -1.00 -11.70
CA ASP B 62 -0.84 -1.57 -12.49
C ASP B 62 -1.73 -0.69 -13.39
N CYS B 63 -1.53 0.62 -13.28
CA CYS B 63 -2.03 1.64 -14.22
C CYS B 63 -1.05 2.78 -14.20
N SER B 64 -1.07 3.67 -15.20
CA SER B 64 -0.21 4.84 -15.16
C SER B 64 -0.42 5.86 -16.28
N PHE B 65 0.04 7.12 -16.01
CA PHE B 65 -0.02 8.23 -16.99
C PHE B 65 0.98 9.39 -16.89
N ASP B 66 1.36 9.89 -18.05
CA ASP B 66 2.34 10.98 -18.17
C ASP B 66 1.56 12.22 -17.74
N THR B 67 2.20 13.18 -17.10
CA THR B 67 1.46 14.41 -16.76
C THR B 67 2.01 15.48 -17.67
N GLU B 68 3.07 16.11 -17.18
CA GLU B 68 3.94 17.02 -17.91
C GLU B 68 5.24 17.13 -17.17
N TYR B 69 6.21 17.83 -17.77
CA TYR B 69 7.61 17.80 -17.33
C TYR B 69 8.16 16.37 -17.41
N ASN B 70 8.87 15.94 -16.38
CA ASN B 70 9.34 14.53 -16.31
C ASN B 70 8.63 13.89 -15.14
N GLU B 71 7.36 14.19 -15.04
CA GLU B 71 6.48 13.78 -13.97
C GLU B 71 5.43 12.88 -14.53
N ALA B 72 5.08 11.86 -13.78
CA ALA B 72 3.98 10.98 -14.11
C ALA B 72 3.32 10.42 -12.85
N PHE B 73 2.07 9.98 -13.01
CA PHE B 73 1.31 9.34 -11.97
C PHE B 73 1.33 7.80 -12.17
N ILE B 74 1.44 7.09 -11.03
CA ILE B 74 1.60 5.62 -11.02
C ILE B 74 0.72 5.00 -9.96
N PHE B 75 0.21 3.81 -10.27
CA PHE B 75 -0.84 3.18 -9.49
C PHE B 75 -0.50 1.74 -9.17
N TYR B 76 -0.86 1.37 -7.95
CA TYR B 76 -0.96 -0.06 -7.61
C TYR B 76 -2.22 -0.21 -6.69
N GLU B 77 -3.21 -0.96 -7.18
CA GLU B 77 -4.52 -1.17 -6.52
C GLU B 77 -5.16 0.12 -6.03
N ASN B 78 -5.57 0.17 -4.73
CA ASN B 78 -6.05 1.39 -3.96
C ASN B 78 -5.04 2.59 -4.03
N PHE B 79 -3.77 2.30 -4.40
CA PHE B 79 -2.62 3.18 -4.10
C PHE B 79 -1.89 3.83 -5.29
N CYS B 80 -1.53 5.09 -5.14
CA CYS B 80 -0.92 5.79 -6.22
C CYS B 80 0.05 6.83 -5.73
N ALA B 81 0.80 7.39 -6.63
CA ALA B 81 1.74 8.45 -6.22
C ALA B 81 2.00 9.28 -7.47
N ARG B 82 2.46 10.51 -7.31
CA ARG B 82 3.07 11.26 -8.41
C ARG B 82 4.63 11.19 -8.29
N ILE B 83 5.28 10.94 -9.43
CA ILE B 83 6.74 10.80 -9.44
C ILE B 83 7.46 11.65 -10.43
N ASP B 84 8.70 12.00 -10.14
CA ASP B 84 9.66 12.44 -11.21
C ASP B 84 10.47 11.25 -11.74
N TYR B 85 10.25 10.81 -12.96
CA TYR B 85 11.01 9.62 -13.43
C TYR B 85 12.38 9.93 -13.95
N ALA B 86 12.69 11.19 -14.20
CA ALA B 86 14.04 11.54 -14.54
C ALA B 86 14.69 10.72 -15.68
N PRO B 87 14.10 10.78 -16.86
CA PRO B 87 14.47 9.95 -18.00
C PRO B 87 15.94 10.09 -18.37
N HIS B 88 16.54 8.98 -18.68
CA HIS B 88 17.94 8.93 -19.00
C HIS B 88 18.73 9.61 -17.88
N SER B 89 18.32 9.37 -16.67
CA SER B 89 19.08 9.88 -15.56
C SER B 89 18.83 8.95 -14.41
N ASP B 90 18.98 9.48 -13.21
CA ASP B 90 19.03 8.75 -12.00
C ASP B 90 18.40 9.43 -10.79
N LYS B 91 17.79 10.56 -11.01
CA LYS B 91 17.36 11.45 -9.94
C LYS B 91 15.84 11.40 -9.76
N ASP B 92 15.31 10.16 -9.70
CA ASP B 92 13.88 9.93 -9.52
C ASP B 92 13.37 10.14 -8.07
N LYS B 93 12.16 10.66 -7.99
CA LYS B 93 11.64 11.20 -6.77
C LYS B 93 10.17 10.98 -6.72
N ILE B 94 9.69 10.83 -5.50
CA ILE B 94 8.29 10.85 -5.19
C ILE B 94 7.93 12.31 -4.89
N ILE B 95 6.95 12.88 -5.59
CA ILE B 95 6.51 14.27 -5.34
C ILE B 95 5.28 14.33 -4.42
N SER B 96 4.28 13.49 -4.69
CA SER B 96 3.10 13.30 -3.84
C SER B 96 3.00 11.82 -3.59
N GLY B 97 2.76 11.39 -2.37
CA GLY B 97 2.31 10.00 -2.17
C GLY B 97 3.38 9.14 -1.51
N PRO B 98 3.11 7.83 -1.35
CA PRO B 98 1.91 7.13 -1.77
C PRO B 98 0.67 7.38 -0.92
N LYS B 99 -0.43 7.67 -1.64
CA LYS B 99 -1.76 7.99 -1.11
C LYS B 99 -2.72 6.98 -1.70
N LYS B 100 -3.90 6.85 -1.13
CA LYS B 100 -4.95 6.08 -1.73
C LYS B 100 -5.42 6.81 -3.01
N ILE B 101 -6.24 6.18 -3.85
CA ILE B 101 -6.75 6.88 -5.00
C ILE B 101 -7.79 7.94 -4.65
N ALA B 102 -8.55 7.73 -3.57
CA ALA B 102 -9.71 8.57 -3.21
C ALA B 102 -9.11 9.86 -2.66
N ASP B 103 -7.99 9.77 -1.94
CA ASP B 103 -7.29 10.95 -1.39
C ASP B 103 -6.43 11.70 -2.40
N MET B 104 -6.15 11.08 -3.54
CA MET B 104 -5.32 11.72 -4.52
C MET B 104 -6.24 12.40 -5.51
N PHE B 105 -7.34 11.71 -5.84
CA PHE B 105 -8.39 12.21 -6.74
C PHE B 105 -9.78 12.00 -6.12
N PRO B 106 -10.15 12.86 -5.19
CA PRO B 106 -11.35 12.70 -4.40
C PRO B 106 -12.63 12.42 -5.15
N PHE B 107 -12.68 12.87 -6.39
CA PHE B 107 -13.84 12.69 -7.24
C PHE B 107 -14.11 11.23 -7.66
N PHE B 108 -13.20 10.31 -7.26
CA PHE B 108 -13.35 8.88 -7.51
C PHE B 108 -13.90 8.12 -6.28
N LYS B 109 -14.11 8.82 -5.17
CA LYS B 109 -14.77 8.23 -4.00
C LYS B 109 -16.21 7.89 -4.37
N GLY B 110 -16.63 6.68 -4.00
CA GLY B 110 -17.85 6.08 -4.50
C GLY B 110 -17.89 5.53 -5.91
N THR B 111 -16.93 5.83 -6.78
CA THR B 111 -16.84 5.25 -8.14
C THR B 111 -16.16 3.85 -8.17
N VAL B 112 -15.91 3.35 -9.37
CA VAL B 112 -15.38 2.02 -9.53
C VAL B 112 -13.87 2.12 -9.59
N PHE B 113 -13.38 3.31 -9.94
CA PHE B 113 -11.98 3.69 -9.91
C PHE B 113 -11.41 3.91 -8.50
N GLU B 114 -12.26 3.89 -7.49
CA GLU B 114 -11.82 4.15 -6.13
C GLU B 114 -10.71 3.22 -5.73
N ASN B 115 -10.92 1.92 -5.97
CA ASN B 115 -10.17 0.86 -5.33
C ASN B 115 -9.16 0.33 -6.37
N GLY B 116 -9.10 0.99 -7.53
CA GLY B 116 -8.17 0.54 -8.56
C GLY B 116 -8.63 0.93 -9.93
N ILE B 117 -7.64 1.07 -10.81
CA ILE B 117 -7.77 1.55 -12.19
C ILE B 117 -6.95 0.68 -13.16
N ASP B 118 -7.52 0.24 -14.29
CA ASP B 118 -6.76 -0.57 -15.31
C ASP B 118 -5.69 0.20 -16.12
N ALA B 119 -6.05 1.36 -16.61
CA ALA B 119 -5.28 1.92 -17.68
C ALA B 119 -5.59 3.37 -17.73
N ALA B 120 -4.61 4.11 -18.26
CA ALA B 120 -4.74 5.53 -18.51
C ALA B 120 -3.88 5.96 -19.66
N PHE B 121 -4.27 7.03 -20.33
CA PHE B 121 -3.44 7.71 -21.30
C PHE B 121 -3.73 9.25 -21.30
N ARG B 122 -2.69 10.00 -21.59
CA ARG B 122 -2.74 11.46 -21.55
C ARG B 122 -3.36 12.01 -22.81
N SER B 123 -4.34 12.89 -22.62
CA SER B 123 -4.95 13.58 -23.76
C SER B 123 -4.10 14.73 -24.29
N THR B 124 -4.59 15.29 -25.40
CA THR B 124 -3.99 16.45 -26.04
C THR B 124 -4.55 17.75 -25.47
N LYS B 125 -5.80 17.74 -25.06
CA LYS B 125 -6.49 18.95 -24.52
C LYS B 125 -6.00 19.27 -23.14
N GLY B 126 -5.37 20.43 -23.01
CA GLY B 126 -5.06 20.96 -21.73
C GLY B 126 -4.52 19.93 -20.78
N LYS B 127 -5.14 19.82 -19.62
CA LYS B 127 -4.61 18.85 -18.62
C LYS B 127 -5.39 17.57 -18.52
N GLU B 128 -5.96 17.15 -19.64
CA GLU B 128 -6.87 16.04 -19.67
C GLU B 128 -6.26 14.70 -19.70
N VAL B 129 -6.99 13.74 -19.14
CA VAL B 129 -6.55 12.34 -19.06
C VAL B 129 -7.77 11.43 -19.18
N TYR B 130 -7.59 10.28 -19.83
CA TYR B 130 -8.62 9.24 -19.99
C TYR B 130 -8.24 8.06 -19.15
N LEU B 131 -9.16 7.66 -18.27
CA LEU B 131 -8.95 6.53 -17.39
C LEU B 131 -10.04 5.47 -17.64
N PHE B 132 -9.79 4.25 -17.21
CA PHE B 132 -10.53 3.07 -17.73
C PHE B 132 -10.57 2.03 -16.69
N LYS B 133 -11.77 1.56 -16.39
CA LYS B 133 -11.97 0.51 -15.38
C LYS B 133 -13.23 -0.27 -15.74
N GLY B 134 -13.12 -1.60 -15.68
CA GLY B 134 -14.12 -2.46 -16.29
C GLY B 134 -14.68 -1.94 -17.60
N ASP B 135 -16.01 -1.80 -17.67
CA ASP B 135 -16.68 -1.37 -18.91
C ASP B 135 -16.77 0.18 -18.97
N LYS B 136 -16.10 0.83 -18.01
CA LYS B 136 -16.17 2.31 -17.86
C LYS B 136 -14.86 3.02 -18.16
N TYR B 137 -15.00 4.26 -18.69
CA TYR B 137 -13.90 5.19 -18.86
C TYR B 137 -14.34 6.49 -18.18
N ALA B 138 -13.33 7.35 -17.89
CA ALA B 138 -13.48 8.62 -17.16
C ALA B 138 -12.59 9.66 -17.79
N ARG B 139 -13.07 10.91 -17.81
CA ARG B 139 -12.28 12.02 -18.30
C ARG B 139 -12.01 13.06 -17.21
N ILE B 140 -10.70 13.36 -16.93
CA ILE B 140 -10.32 14.14 -15.74
C ILE B 140 -9.40 15.36 -16.00
N ASP B 141 -9.17 16.17 -14.97
CA ASP B 141 -8.24 17.30 -15.06
C ASP B 141 -7.27 17.16 -13.89
N TYR B 142 -6.08 16.59 -14.14
CA TYR B 142 -5.12 16.23 -13.07
C TYR B 142 -4.60 17.47 -12.35
N LEU B 143 -4.81 18.62 -13.00
CA LEU B 143 -4.34 19.92 -12.45
C LEU B 143 -5.39 20.49 -11.54
N THR B 144 -6.62 20.47 -11.98
CA THR B 144 -7.64 21.10 -11.16
C THR B 144 -8.29 20.10 -10.28
N ASN B 145 -7.93 18.82 -10.45
CA ASN B 145 -8.55 17.69 -9.74
C ASN B 145 -10.07 17.52 -9.95
N ARG B 146 -10.48 17.51 -11.22
CA ARG B 146 -11.88 17.66 -11.61
C ARG B 146 -12.32 16.63 -12.65
N LEU B 147 -13.50 16.11 -12.47
CA LEU B 147 -14.04 15.16 -13.39
C LEU B 147 -14.72 15.88 -14.55
N VAL B 148 -14.04 16.11 -15.66
CA VAL B 148 -14.44 16.98 -16.73
C VAL B 148 -15.90 16.67 -17.16
N GLN B 149 -16.30 15.43 -17.13
CA GLN B 149 -17.63 14.95 -17.62
C GLN B 149 -17.94 13.71 -16.78
N ASN B 150 -19.19 13.26 -16.80
CA ASN B 150 -19.63 12.07 -16.05
C ASN B 150 -18.90 10.72 -16.38
N ILE B 151 -18.90 9.77 -15.44
CA ILE B 151 -18.42 8.42 -15.75
C ILE B 151 -19.30 7.68 -16.78
N LYS B 152 -18.69 7.33 -17.92
CA LYS B 152 -19.43 6.61 -18.97
C LYS B 152 -18.74 5.35 -19.52
N SER B 153 -19.41 4.67 -20.44
CA SER B 153 -18.88 3.43 -20.89
C SER B 153 -17.88 3.77 -21.97
N ILE B 154 -16.94 2.86 -22.18
CA ILE B 154 -15.92 3.02 -23.17
C ILE B 154 -16.55 3.20 -24.55
N SER B 155 -17.48 2.30 -24.87
CA SER B 155 -18.20 2.30 -26.12
C SER B 155 -18.88 3.61 -26.46
N ASP B 156 -19.19 4.42 -25.43
CA ASP B 156 -19.79 5.77 -25.55
C ASP B 156 -18.92 6.87 -26.19
N GLY B 157 -17.66 6.95 -25.81
CA GLY B 157 -16.78 7.98 -26.36
C GLY B 157 -15.67 7.39 -27.20
N PHE B 158 -15.59 6.08 -27.21
CA PHE B 158 -14.78 5.30 -28.11
C PHE B 158 -15.58 4.14 -28.71
N PRO B 159 -16.48 4.49 -29.62
CA PRO B 159 -17.47 3.59 -30.17
C PRO B 159 -16.86 2.65 -31.15
N CYS B 160 -15.66 3.05 -31.64
CA CYS B 160 -14.91 2.23 -32.59
C CYS B 160 -14.38 0.98 -31.91
N LEU B 161 -14.49 0.87 -30.58
CA LEU B 161 -14.03 -0.31 -29.85
C LEU B 161 -15.13 -1.33 -29.61
N ARG B 162 -16.36 -0.96 -29.92
CA ARG B 162 -17.48 -1.86 -29.74
C ARG B 162 -17.21 -3.19 -30.51
N GLY B 163 -17.65 -4.32 -29.93
CA GLY B 163 -17.40 -5.66 -30.50
C GLY B 163 -15.96 -6.20 -30.48
N THR B 164 -15.02 -5.32 -30.20
CA THR B 164 -13.60 -5.61 -30.02
C THR B 164 -13.35 -6.09 -28.63
N ILE B 165 -12.10 -6.38 -28.32
CA ILE B 165 -11.80 -6.93 -26.97
C ILE B 165 -11.63 -5.80 -25.96
N PHE B 166 -11.47 -4.60 -26.48
CA PHE B 166 -11.45 -3.41 -25.63
C PHE B 166 -12.86 -2.93 -25.27
N GLU B 167 -13.89 -3.54 -25.83
CA GLU B 167 -15.27 -3.20 -25.40
C GLU B 167 -15.43 -3.22 -23.86
N ALA B 168 -14.80 -4.15 -23.17
CA ALA B 168 -14.92 -4.28 -21.72
C ALA B 168 -13.71 -3.95 -20.89
N GLY B 169 -12.78 -3.23 -21.45
CA GLY B 169 -11.64 -2.76 -20.66
C GLY B 169 -10.33 -2.66 -21.43
N MET B 170 -9.31 -2.37 -20.66
CA MET B 170 -8.00 -2.17 -21.14
C MET B 170 -7.06 -2.57 -20.09
N ASP B 171 -6.07 -3.31 -20.45
CA ASP B 171 -5.06 -3.77 -19.55
C ASP B 171 -4.10 -2.62 -19.34
N SER B 172 -3.75 -1.95 -20.44
CA SER B 172 -2.62 -1.05 -20.49
C SER B 172 -2.86 -0.01 -21.57
N ALA B 173 -2.63 1.26 -21.28
CA ALA B 173 -2.63 2.24 -22.34
C ALA B 173 -1.46 3.25 -22.24
N PHE B 174 -1.10 3.90 -23.36
CA PHE B 174 -0.23 5.09 -23.31
C PHE B 174 -0.43 5.92 -24.55
N ALA B 175 0.00 7.17 -24.47
CA ALA B 175 -0.25 8.21 -25.46
C ALA B 175 0.91 8.39 -26.41
N SER B 176 0.58 8.72 -27.66
CA SER B 176 1.61 8.80 -28.67
C SER B 176 2.15 10.20 -28.81
N HIS B 177 3.36 10.26 -29.37
CA HIS B 177 3.93 11.56 -29.71
C HIS B 177 3.29 12.02 -30.99
N LYS B 178 2.53 11.11 -31.59
CA LYS B 178 1.74 11.46 -32.75
C LYS B 178 0.44 12.05 -32.21
N THR B 179 0.12 13.29 -32.59
CA THR B 179 -1.02 13.95 -32.00
C THR B 179 -2.30 13.10 -32.11
N ASN B 180 -2.92 12.87 -30.99
CA ASN B 180 -4.18 12.21 -30.93
C ASN B 180 -4.16 10.73 -31.29
N GLU B 181 -3.01 10.13 -31.18
CA GLU B 181 -2.87 8.70 -31.12
C GLU B 181 -2.53 8.19 -29.73
N ALA B 182 -2.98 6.96 -29.46
CA ALA B 182 -2.80 6.35 -28.17
C ALA B 182 -2.66 4.84 -28.44
N TYR B 183 -1.90 4.16 -27.59
CA TYR B 183 -1.76 2.70 -27.73
C TYR B 183 -2.53 2.05 -26.65
N LEU B 184 -3.38 1.14 -27.00
CA LEU B 184 -4.15 0.37 -26.00
C LEU B 184 -3.76 -1.08 -26.14
N PHE B 185 -3.53 -1.74 -25.00
CA PHE B 185 -3.07 -3.14 -24.94
C PHE B 185 -4.06 -3.95 -24.10
N LYS B 186 -4.27 -5.21 -24.46
CA LYS B 186 -5.03 -6.16 -23.63
C LYS B 186 -4.68 -7.60 -24.02
N GLY B 187 -4.34 -8.46 -23.07
CA GLY B 187 -4.00 -9.85 -23.40
C GLY B 187 -2.77 -9.82 -24.28
N GLU B 188 -2.84 -10.35 -25.51
CA GLU B 188 -1.69 -10.33 -26.42
C GLU B 188 -1.85 -9.43 -27.66
N TYR B 189 -2.89 -8.60 -27.65
CA TYR B 189 -3.16 -7.65 -28.72
C TYR B 189 -2.95 -6.19 -28.34
N TYR B 190 -2.48 -5.42 -29.33
CA TYR B 190 -2.33 -3.99 -29.16
C TYR B 190 -3.32 -3.24 -30.08
N ALA B 191 -3.55 -1.96 -29.79
CA ALA B 191 -4.41 -1.14 -30.63
C ALA B 191 -3.84 0.28 -30.82
N ARG B 192 -3.89 0.80 -32.05
CA ARG B 192 -3.56 2.22 -32.28
C ARG B 192 -4.86 3.00 -32.46
N ILE B 193 -4.93 4.23 -32.01
CA ILE B 193 -6.18 5.00 -32.20
C ILE B 193 -5.90 6.46 -32.60
N ASN B 194 -6.83 7.05 -33.33
CA ASN B 194 -6.86 8.52 -33.46
C ASN B 194 -8.17 8.90 -32.80
N PHE B 195 -8.03 9.59 -31.66
CA PHE B 195 -9.16 10.06 -30.87
C PHE B 195 -9.17 11.57 -30.94
N THR B 196 -10.35 12.18 -31.07
CA THR B 196 -10.51 13.63 -30.95
C THR B 196 -11.27 14.04 -29.65
N PRO B 197 -10.59 14.78 -28.73
CA PRO B 197 -11.05 15.34 -27.46
C PRO B 197 -12.36 16.11 -27.51
N GLY B 198 -13.41 15.49 -26.97
CA GLY B 198 -14.73 16.13 -26.91
C GLY B 198 -15.62 15.78 -28.07
N SER B 199 -15.28 14.68 -28.77
CA SER B 199 -16.12 14.21 -29.87
C SER B 199 -16.23 12.69 -29.95
N THR B 200 -17.46 12.22 -30.19
CA THR B 200 -17.79 10.80 -30.38
C THR B 200 -17.16 10.36 -31.71
N ASN B 201 -15.97 9.78 -31.63
CA ASN B 201 -15.16 9.57 -32.84
C ASN B 201 -14.35 8.27 -33.04
N ASP B 202 -14.16 8.09 -34.33
CA ASP B 202 -13.74 6.73 -34.76
C ASP B 202 -12.28 6.50 -35.18
N ILE B 203 -12.03 5.30 -35.70
CA ILE B 203 -10.70 4.81 -36.10
C ILE B 203 -9.66 4.76 -34.96
N MET B 204 -9.27 3.55 -34.53
CA MET B 204 -9.42 2.37 -35.38
C MET B 204 -9.68 1.02 -34.69
N GLY B 205 -9.68 0.02 -35.52
CA GLY B 205 -9.88 0.10 -36.99
C GLY B 205 -8.97 -0.83 -37.78
N GLY B 206 -7.89 -1.26 -37.10
CA GLY B 206 -6.92 -2.29 -37.52
C GLY B 206 -6.34 -2.82 -36.22
N VAL B 207 -7.09 -3.59 -35.46
CA VAL B 207 -6.57 -4.16 -34.25
C VAL B 207 -5.60 -5.25 -34.58
N LYS B 208 -4.36 -4.99 -34.20
CA LYS B 208 -3.24 -5.84 -34.51
C LYS B 208 -2.70 -6.62 -33.29
N LYS B 209 -1.89 -7.63 -33.59
CA LYS B 209 -1.23 -8.45 -32.56
C LYS B 209 0.06 -7.74 -32.21
N THR B 210 0.50 -7.90 -30.98
CA THR B 210 1.46 -6.99 -30.44
C THR B 210 2.87 -7.18 -31.01
N LEU B 211 3.42 -8.39 -30.87
CA LEU B 211 4.78 -8.78 -31.30
C LEU B 211 5.00 -8.82 -32.82
N ASP B 212 3.92 -8.92 -33.59
CA ASP B 212 3.94 -8.76 -35.04
C ASP B 212 4.18 -7.29 -35.49
N TYR B 213 4.14 -6.34 -34.53
CA TYR B 213 4.48 -4.95 -34.81
C TYR B 213 5.49 -4.48 -33.76
N TRP B 214 5.74 -5.32 -32.80
CA TRP B 214 6.56 -4.92 -31.69
C TRP B 214 7.74 -5.87 -31.40
N PRO B 215 8.74 -6.00 -32.26
CA PRO B 215 9.76 -7.09 -32.10
C PRO B 215 10.68 -6.88 -30.88
N SER B 216 10.99 -5.62 -30.56
CA SER B 216 11.68 -5.23 -29.32
C SER B 216 10.94 -5.65 -28.06
N LEU B 217 9.76 -6.27 -28.21
CA LEU B 217 9.00 -6.86 -27.09
C LEU B 217 9.12 -8.40 -27.01
N ARG B 218 9.57 -9.05 -28.10
CA ARG B 218 9.77 -10.54 -28.11
C ARG B 218 10.75 -11.06 -27.06
N GLY B 219 10.34 -12.06 -26.31
CA GLY B 219 11.13 -12.55 -25.16
C GLY B 219 10.68 -11.98 -23.80
N ILE B 220 10.03 -10.82 -23.88
CA ILE B 220 9.56 -10.01 -22.75
C ILE B 220 8.06 -10.00 -22.50
N ILE B 221 7.21 -9.84 -23.50
CA ILE B 221 5.80 -10.30 -23.43
C ILE B 221 5.52 -11.56 -24.31
N PRO B 222 4.85 -12.59 -23.76
CA PRO B 222 4.40 -12.71 -22.35
C PRO B 222 5.56 -12.79 -21.36
N LEU B 223 5.30 -12.59 -20.10
CA LEU B 223 6.30 -12.60 -19.06
C LEU B 223 5.79 -13.65 -18.11
N GLU B 224 6.12 -14.87 -18.46
CA GLU B 224 5.83 -16.08 -17.68
C GLU B 224 6.93 -17.09 -18.02
MG MG C . -5.45 -1.39 15.11
MG MG D . -3.50 -2.65 -15.63
#